data_8GFJ
#
_entry.id   8GFJ
#
_cell.length_a   177.604
_cell.length_b   177.604
_cell.length_c   177.604
_cell.angle_alpha   90.00
_cell.angle_beta   90.00
_cell.angle_gamma   90.00
#
_symmetry.space_group_name_H-M   'I 2 3'
#
loop_
_entity.id
_entity.type
_entity.pdbx_description
1 polymer 'Lytic transglycosylase domain-containing protein'
2 non-polymer 'CITRIC ACID'
3 water water
#
_entity_poly.entity_id   1
_entity_poly.type   'polypeptide(L)'
_entity_poly.pdbx_seq_one_letter_code
;MGSSHHHHHHSSGLVPRGSHMQYSIEKLKKEENSLAKDYYIYRLLEKNKISKKDAQDLNSHIFRYIGKIKSELEKIIPLK
PYINPKYAKCYTYTANTILDANLTCQSVRLNSLVFIASLNSKDRTTLAQTFKNQRPDLTNLLLAFNTSDPMSYIVQKEDI
NGFFKLYNYSKKYDLDLNTSLVNKLPNHIGFKDFAQNIIIKKENPKFRHSMLEINPENVSEDSAFYLGVNALTYDKTELA
YDFFKKAAQSFKSQSNKDNAIFWMWLIKNNEEDLKTLSQSSSLNIYSLYAKELTNTPFPKIESLNPSKKKNNFNMQDPFA
WQKINKQIRDANASQLDVLAKEFDTQETLPIYAYILERKNNFKKHYFIMPYYDNIKDYNKTRQALILAIARQESRFIPTA
ISVSYALGMMQFMPFLANHIGEKELKIPNFDQDFMFKPEIAYYFGNYHLNYLESRLKSPLFVAYAYNGGIGFTNRMLARN
DMFKTGKFEPFLSMELVPYQESRIYGKKVLANYIVYRHLLNDSIKISDIFENLIQNKANDLNKS
;
_entity_poly.pdbx_strand_id   A
#
# COMPACT_ATOMS: atom_id res chain seq x y z
N GLN A 22 -30.31 -6.42 -1.37
CA GLN A 22 -30.16 -5.14 -0.61
C GLN A 22 -30.94 -5.29 0.72
N TYR A 23 -30.20 -5.53 1.83
CA TYR A 23 -30.61 -6.34 2.98
C TYR A 23 -30.80 -5.47 4.24
N SER A 24 -31.75 -5.85 5.11
CA SER A 24 -32.08 -5.09 6.32
C SER A 24 -31.08 -5.35 7.45
N ILE A 25 -31.11 -4.51 8.49
CA ILE A 25 -30.10 -4.60 9.53
C ILE A 25 -30.16 -5.95 10.26
N GLU A 26 -31.31 -6.62 10.29
CA GLU A 26 -31.45 -7.87 11.06
C GLU A 26 -30.85 -9.05 10.32
N LYS A 27 -30.97 -9.08 8.98
CA LYS A 27 -30.44 -10.18 8.18
C LYS A 27 -28.91 -10.09 8.19
N LEU A 28 -28.39 -8.85 8.14
CA LEU A 28 -26.95 -8.62 8.17
C LEU A 28 -26.36 -9.14 9.48
N LYS A 29 -27.08 -8.91 10.60
CA LYS A 29 -26.57 -9.25 11.91
C LYS A 29 -26.36 -10.76 11.98
N LYS A 30 -27.13 -11.53 11.20
CA LYS A 30 -27.04 -12.99 11.16
C LYS A 30 -25.91 -13.52 10.27
N GLU A 31 -25.19 -12.63 9.56
CA GLU A 31 -24.06 -13.02 8.70
C GLU A 31 -22.75 -12.81 9.46
N GLU A 32 -21.70 -13.58 9.11
CA GLU A 32 -20.40 -13.46 9.74
C GLU A 32 -19.83 -12.07 9.48
N ASN A 33 -19.06 -11.53 10.45
CA ASN A 33 -18.38 -10.25 10.28
C ASN A 33 -17.46 -10.41 9.06
N SER A 34 -17.45 -9.39 8.19
CA SER A 34 -16.65 -9.40 6.97
C SER A 34 -16.69 -8.01 6.38
N LEU A 35 -15.83 -7.74 5.39
CA LEU A 35 -15.89 -6.47 4.69
C LEU A 35 -17.21 -6.34 3.92
N ALA A 36 -17.85 -7.44 3.48
CA ALA A 36 -19.09 -7.39 2.73
C ALA A 36 -20.22 -6.92 3.66
N LYS A 37 -20.13 -7.30 4.94
CA LYS A 37 -21.13 -6.97 5.92
C LYS A 37 -20.94 -5.52 6.34
N ASP A 38 -19.68 -5.09 6.52
CA ASP A 38 -19.37 -3.69 6.75
C ASP A 38 -19.92 -2.80 5.62
N TYR A 39 -19.72 -3.25 4.35
CA TYR A 39 -20.16 -2.50 3.18
C TYR A 39 -21.66 -2.21 3.29
N TYR A 40 -22.44 -3.27 3.48
CA TYR A 40 -23.90 -3.19 3.57
C TYR A 40 -24.42 -2.45 4.81
N ILE A 41 -23.68 -2.46 5.93
CA ILE A 41 -24.04 -1.63 7.09
C ILE A 41 -23.79 -0.15 6.74
N TYR A 42 -22.68 0.10 6.07
CA TYR A 42 -22.35 1.44 5.65
C TYR A 42 -23.45 1.99 4.71
N ARG A 43 -24.00 1.14 3.84
CA ARG A 43 -25.04 1.59 2.91
C ARG A 43 -26.27 2.02 3.71
N LEU A 44 -26.66 1.23 4.71
CA LEU A 44 -27.75 1.60 5.59
C LEU A 44 -27.43 2.93 6.26
N LEU A 45 -26.23 3.06 6.81
CA LEU A 45 -25.86 4.27 7.52
C LEU A 45 -25.94 5.50 6.62
N GLU A 46 -25.43 5.38 5.37
CA GLU A 46 -25.36 6.54 4.48
C GLU A 46 -26.79 6.95 4.06
N LYS A 47 -27.73 6.00 4.08
CA LYS A 47 -29.13 6.27 3.77
C LYS A 47 -29.97 6.53 5.04
N ASN A 48 -29.32 6.63 6.21
CA ASN A 48 -29.96 7.06 7.45
C ASN A 48 -31.04 6.05 7.87
N LYS A 49 -30.81 4.74 7.64
CA LYS A 49 -31.78 3.70 7.97
C LYS A 49 -31.38 2.98 9.27
N ILE A 50 -30.26 3.39 9.90
CA ILE A 50 -29.85 2.84 11.19
C ILE A 50 -30.28 3.84 12.28
N SER A 51 -31.32 3.42 13.01
CA SER A 51 -31.81 4.13 14.19
C SER A 51 -30.78 4.11 15.32
N LYS A 52 -30.92 5.02 16.29
CA LYS A 52 -30.11 4.98 17.52
C LYS A 52 -30.24 3.63 18.24
N LYS A 53 -31.39 2.96 18.13
CA LYS A 53 -31.63 1.69 18.80
C LYS A 53 -30.93 0.53 18.08
N ASP A 54 -31.04 0.48 16.74
CA ASP A 54 -30.36 -0.54 15.93
C ASP A 54 -28.85 -0.44 16.17
N ALA A 55 -28.39 0.79 16.41
CA ALA A 55 -26.98 1.14 16.52
C ALA A 55 -26.31 0.78 17.84
N GLN A 56 -27.06 0.17 18.79
CA GLN A 56 -26.53 -0.04 20.14
C GLN A 56 -25.48 -1.16 20.09
N ASP A 57 -25.81 -2.32 19.52
CA ASP A 57 -24.92 -3.47 19.66
C ASP A 57 -23.99 -3.60 18.46
N LEU A 58 -23.70 -2.47 17.78
CA LEU A 58 -23.37 -2.55 16.37
C LEU A 58 -21.87 -2.70 16.13
N ASN A 59 -20.98 -2.16 16.99
CA ASN A 59 -19.54 -2.26 16.74
C ASN A 59 -19.00 -3.66 17.03
N SER A 60 -19.81 -4.54 17.66
CA SER A 60 -19.51 -5.96 17.71
C SER A 60 -19.84 -6.65 16.38
N HIS A 61 -20.57 -5.93 15.49
CA HIS A 61 -21.01 -6.46 14.21
C HIS A 61 -20.17 -5.91 13.04
N ILE A 62 -19.10 -5.16 13.32
CA ILE A 62 -18.30 -4.50 12.29
C ILE A 62 -16.90 -5.10 12.26
N PHE A 63 -16.53 -5.71 11.12
CA PHE A 63 -15.27 -6.40 10.93
C PHE A 63 -14.09 -5.43 10.95
N ARG A 64 -14.22 -4.25 10.35
CA ARG A 64 -13.08 -3.33 10.33
C ARG A 64 -13.55 -1.90 10.66
N TYR A 65 -13.55 -1.60 11.97
CA TYR A 65 -14.08 -0.37 12.52
C TYR A 65 -13.12 0.79 12.25
N ILE A 66 -13.02 1.22 10.98
CA ILE A 66 -12.07 2.26 10.60
C ILE A 66 -12.69 3.09 9.46
N GLY A 67 -12.30 4.38 9.37
CA GLY A 67 -12.70 5.24 8.27
C GLY A 67 -14.20 5.58 8.34
N LYS A 68 -14.87 5.52 7.18
CA LYS A 68 -16.17 6.14 6.96
C LYS A 68 -17.26 5.47 7.81
N ILE A 69 -17.19 4.15 7.98
CA ILE A 69 -18.22 3.45 8.74
C ILE A 69 -18.18 3.87 10.21
N LYS A 70 -16.99 4.28 10.67
CA LYS A 70 -16.76 4.71 12.04
C LYS A 70 -17.21 6.17 12.21
N SER A 71 -16.90 7.06 11.25
CA SER A 71 -17.42 8.43 11.34
C SER A 71 -18.95 8.42 11.32
N GLU A 72 -19.56 7.53 10.52
CA GLU A 72 -21.01 7.49 10.35
C GLU A 72 -21.69 6.93 11.60
N LEU A 73 -21.07 5.90 12.21
CA LEU A 73 -21.67 5.28 13.39
C LEU A 73 -21.60 6.27 14.56
N GLU A 74 -20.56 7.12 14.58
CA GLU A 74 -20.27 8.04 15.66
C GLU A 74 -21.09 9.33 15.57
N LYS A 75 -21.83 9.51 14.46
CA LYS A 75 -22.76 10.61 14.33
C LYS A 75 -24.03 10.25 15.10
N ILE A 76 -24.36 8.96 15.10
CA ILE A 76 -25.50 8.38 15.83
C ILE A 76 -25.14 8.16 17.32
N ILE A 77 -23.98 7.57 17.60
CA ILE A 77 -23.56 7.23 18.97
C ILE A 77 -22.10 7.62 19.20
N PRO A 78 -21.79 8.85 19.70
CA PRO A 78 -20.38 9.30 19.86
C PRO A 78 -19.57 8.40 20.79
N LEU A 79 -18.23 8.46 20.72
CA LEU A 79 -17.38 7.49 21.42
C LEU A 79 -17.17 7.88 22.89
N LYS A 80 -17.81 7.14 23.81
CA LYS A 80 -17.71 7.39 25.25
C LYS A 80 -16.31 7.01 25.75
N PRO A 81 -15.78 5.80 25.45
CA PRO A 81 -14.36 5.50 25.65
C PRO A 81 -13.40 6.35 24.81
N TYR A 82 -12.07 6.11 24.92
CA TYR A 82 -11.47 5.14 25.83
C TYR A 82 -10.17 5.68 26.42
N ILE A 83 -10.22 6.13 27.70
CA ILE A 83 -9.05 6.26 28.55
C ILE A 83 -9.08 5.09 29.56
N ASN A 84 -7.88 4.56 29.86
CA ASN A 84 -7.71 3.34 30.64
C ASN A 84 -8.23 3.55 32.06
N PRO A 85 -9.18 2.72 32.57
CA PRO A 85 -9.72 2.86 33.93
C PRO A 85 -8.69 3.03 35.07
N LYS A 86 -7.46 2.53 34.84
CA LYS A 86 -6.41 2.50 35.84
C LYS A 86 -5.79 3.89 36.04
N TYR A 87 -5.56 4.64 34.94
CA TYR A 87 -4.98 5.98 35.01
C TYR A 87 -6.02 7.10 34.80
N ALA A 88 -7.28 6.91 35.17
CA ALA A 88 -8.29 7.93 34.88
C ALA A 88 -7.90 9.24 35.55
N LYS A 89 -7.49 9.12 36.82
CA LYS A 89 -7.23 10.27 37.67
C LYS A 89 -6.07 11.09 37.07
N CYS A 90 -5.15 10.45 36.31
CA CYS A 90 -4.01 11.13 35.70
C CYS A 90 -4.43 12.18 34.67
N TYR A 91 -5.56 11.93 33.99
CA TYR A 91 -6.04 12.77 32.90
C TYR A 91 -6.96 13.89 33.38
N THR A 92 -7.10 14.04 34.72
CA THR A 92 -7.79 15.16 35.36
C THR A 92 -6.87 16.35 35.61
N TYR A 93 -5.54 16.19 35.40
CA TYR A 93 -4.57 17.26 35.63
C TYR A 93 -4.37 18.01 34.31
N THR A 94 -3.98 19.27 34.40
CA THR A 94 -3.59 20.03 33.24
C THR A 94 -2.15 20.47 33.47
N ALA A 95 -1.59 21.17 32.48
CA ALA A 95 -0.30 21.85 32.58
C ALA A 95 -0.14 22.66 33.86
N ASN A 96 -1.23 23.28 34.33
CA ASN A 96 -1.20 24.14 35.49
C ASN A 96 -1.17 23.34 36.80
N THR A 97 -1.53 22.05 36.79
CA THR A 97 -1.62 21.32 38.07
C THR A 97 -0.84 20.00 38.05
N ILE A 98 0.09 19.81 37.10
CA ILE A 98 0.79 18.53 36.99
C ILE A 98 1.76 18.32 38.16
N LEU A 99 2.27 19.38 38.79
CA LEU A 99 3.11 19.23 39.99
C LEU A 99 2.33 18.72 41.21
N ASP A 100 0.97 18.72 41.17
CA ASP A 100 0.15 18.16 42.22
C ASP A 100 -0.13 16.67 41.98
N ALA A 101 0.22 16.15 40.79
CA ALA A 101 -0.06 14.76 40.48
C ALA A 101 1.03 13.88 41.05
N ASN A 102 0.66 12.65 41.38
CA ASN A 102 1.59 11.65 41.89
C ASN A 102 2.55 11.34 40.75
N LEU A 103 3.65 10.63 41.05
CA LEU A 103 4.76 10.43 40.12
C LEU A 103 4.39 9.49 38.96
N THR A 104 3.53 8.49 39.21
CA THR A 104 3.05 7.65 38.13
C THR A 104 2.25 8.48 37.13
N CYS A 105 1.40 9.41 37.61
CA CYS A 105 0.58 10.25 36.74
C CYS A 105 1.47 11.23 35.97
N GLN A 106 2.47 11.84 36.64
CA GLN A 106 3.44 12.72 36.00
C GLN A 106 4.06 11.99 34.80
N SER A 107 4.48 10.74 35.00
CA SER A 107 5.23 10.05 33.95
C SER A 107 4.31 9.64 32.80
N VAL A 108 3.07 9.23 33.09
CA VAL A 108 2.08 8.94 32.06
C VAL A 108 1.80 10.19 31.20
N ARG A 109 1.55 11.34 31.83
CA ARG A 109 1.18 12.53 31.07
C ARG A 109 2.36 12.98 30.17
N LEU A 110 3.60 12.64 30.54
CA LEU A 110 4.78 13.09 29.85
C LEU A 110 5.10 12.20 28.64
N ASN A 111 4.35 11.12 28.42
CA ASN A 111 4.30 10.39 27.16
C ASN A 111 3.90 11.28 25.97
N SER A 112 3.27 12.43 26.20
CA SER A 112 2.82 13.30 25.12
C SER A 112 3.71 14.52 25.02
N LEU A 113 4.26 14.70 23.82
CA LEU A 113 5.18 15.80 23.54
C LEU A 113 4.40 17.12 23.45
N VAL A 114 3.15 17.04 23.00
CA VAL A 114 2.24 18.17 23.04
C VAL A 114 2.05 18.63 24.50
N PHE A 115 1.76 17.69 25.41
CA PHE A 115 1.67 18.02 26.83
C PHE A 115 2.96 18.66 27.34
N ILE A 116 4.13 18.08 26.98
CA ILE A 116 5.42 18.66 27.36
C ILE A 116 5.57 20.07 26.80
N ALA A 117 5.22 20.28 25.51
CA ALA A 117 5.32 21.60 24.88
C ALA A 117 4.43 22.63 25.59
N SER A 118 3.31 22.18 26.17
CA SER A 118 2.34 23.05 26.85
C SER A 118 2.86 23.54 28.20
N LEU A 119 3.78 22.79 28.81
CA LEU A 119 4.16 23.08 30.19
C LEU A 119 4.96 24.35 30.16
N ASN A 120 5.06 25.02 31.31
CA ASN A 120 5.95 26.17 31.35
C ASN A 120 7.35 25.70 31.75
N SER A 121 8.33 26.54 31.42
CA SER A 121 9.73 26.14 31.40
C SER A 121 10.24 25.80 32.81
N LYS A 122 9.72 26.46 33.85
CA LYS A 122 10.16 26.19 35.21
C LYS A 122 9.68 24.81 35.64
N ASP A 123 8.47 24.43 35.20
CA ASP A 123 7.98 23.10 35.55
C ASP A 123 8.76 22.04 34.77
N ARG A 124 9.29 22.38 33.58
CA ARG A 124 10.04 21.41 32.80
C ARG A 124 11.38 21.13 33.48
N THR A 125 12.02 22.18 34.04
CA THR A 125 13.27 22.08 34.79
C THR A 125 13.08 21.21 36.04
N THR A 126 12.05 21.52 36.85
CA THR A 126 11.66 20.73 38.01
C THR A 126 11.40 19.26 37.67
N LEU A 127 10.55 19.01 36.67
CA LEU A 127 10.26 17.63 36.31
C LEU A 127 11.52 16.92 35.75
N ALA A 128 12.43 17.64 35.08
CA ALA A 128 13.63 17.05 34.48
C ALA A 128 14.53 16.45 35.56
N GLN A 129 14.78 17.24 36.62
CA GLN A 129 15.44 16.78 37.84
C GLN A 129 14.74 15.56 38.44
N THR A 130 13.45 15.66 38.74
CA THR A 130 12.71 14.53 39.30
C THR A 130 13.04 13.24 38.53
N PHE A 131 13.12 13.31 37.21
CA PHE A 131 13.13 12.10 36.39
C PHE A 131 14.53 11.70 35.88
N LYS A 132 15.59 12.45 36.18
CA LYS A 132 16.91 12.17 35.61
C LYS A 132 17.39 10.72 35.86
N ASN A 133 17.25 10.17 37.08
CA ASN A 133 17.84 8.86 37.37
C ASN A 133 17.03 7.77 36.70
N GLN A 134 15.70 7.81 36.86
CA GLN A 134 14.85 6.68 36.50
C GLN A 134 14.35 6.78 35.04
N ARG A 135 14.22 8.01 34.49
CA ARG A 135 13.64 8.21 33.16
C ARG A 135 14.38 9.35 32.46
N PRO A 136 15.67 9.15 32.10
CA PRO A 136 16.46 10.23 31.49
C PRO A 136 15.91 10.59 30.10
N ASP A 137 15.12 9.66 29.53
CA ASP A 137 14.35 9.91 28.31
C ASP A 137 13.37 11.09 28.47
N LEU A 138 12.66 11.16 29.62
CA LEU A 138 11.76 12.24 29.95
C LEU A 138 12.57 13.49 30.19
N THR A 139 13.67 13.34 30.94
CA THR A 139 14.53 14.47 31.25
C THR A 139 15.00 15.17 29.97
N ASN A 140 15.45 14.37 29.01
CA ASN A 140 16.01 14.91 27.78
C ASN A 140 14.97 15.70 26.98
N LEU A 141 13.74 15.16 26.86
CA LEU A 141 12.65 15.83 26.13
C LEU A 141 12.21 17.10 26.86
N LEU A 142 12.12 17.05 28.19
CA LEU A 142 11.71 18.20 28.99
C LEU A 142 12.68 19.35 28.77
N LEU A 143 13.97 19.05 28.92
CA LEU A 143 14.98 20.09 28.78
C LEU A 143 15.09 20.49 27.33
N ALA A 144 14.81 19.60 26.38
CA ALA A 144 14.91 19.97 24.97
C ALA A 144 13.89 21.06 24.63
N PHE A 145 12.70 20.94 25.22
CA PHE A 145 11.59 21.87 24.98
C PHE A 145 11.80 23.22 25.69
N ASN A 146 12.77 23.28 26.63
CA ASN A 146 13.20 24.56 27.19
C ASN A 146 14.14 25.28 26.23
N THR A 147 14.42 24.73 25.05
CA THR A 147 15.31 25.40 24.11
C THR A 147 14.46 25.84 22.93
N SER A 148 15.01 26.74 22.10
CA SER A 148 14.30 27.06 20.87
C SER A 148 14.48 25.99 19.79
N ASP A 149 15.27 24.90 20.01
CA ASP A 149 15.31 23.80 19.05
C ASP A 149 15.46 22.45 19.75
N PRO A 150 14.33 21.82 20.11
CA PRO A 150 14.36 20.54 20.81
C PRO A 150 15.07 19.41 20.05
N MET A 151 15.04 19.46 18.71
CA MET A 151 15.66 18.41 17.89
C MET A 151 17.17 18.49 18.05
N SER A 152 17.70 19.71 18.09
CA SER A 152 19.12 19.93 18.25
C SER A 152 19.63 19.37 19.56
N TYR A 153 18.82 19.54 20.63
CA TYR A 153 19.19 19.09 21.97
C TYR A 153 19.20 17.55 21.97
N ILE A 154 18.16 16.94 21.40
CA ILE A 154 18.02 15.49 21.39
C ILE A 154 19.12 14.86 20.52
N VAL A 155 19.45 15.46 19.39
CA VAL A 155 20.52 14.99 18.53
C VAL A 155 21.87 15.06 19.25
N GLN A 156 22.12 16.13 20.04
CA GLN A 156 23.36 16.23 20.80
C GLN A 156 23.42 15.12 21.86
N LYS A 157 22.28 14.71 22.46
CA LYS A 157 22.31 13.60 23.40
C LYS A 157 22.38 12.24 22.69
N GLU A 158 22.21 12.20 21.36
CA GLU A 158 22.06 10.95 20.63
C GLU A 158 20.97 10.07 21.30
N ASP A 159 19.87 10.71 21.69
CA ASP A 159 18.74 10.00 22.28
C ASP A 159 17.87 9.55 21.11
N ILE A 160 17.92 8.24 20.81
CA ILE A 160 17.32 7.69 19.61
C ILE A 160 15.79 7.63 19.79
N ASN A 161 15.29 7.22 20.96
CA ASN A 161 13.86 7.15 21.18
C ASN A 161 13.26 8.57 21.09
N GLY A 162 13.95 9.54 21.65
CA GLY A 162 13.52 10.93 21.67
C GLY A 162 13.52 11.50 20.26
N PHE A 163 14.45 11.03 19.43
CA PHE A 163 14.56 11.52 18.07
C PHE A 163 13.28 11.16 17.30
N PHE A 164 12.84 9.90 17.43
CA PHE A 164 11.64 9.44 16.73
C PHE A 164 10.37 10.07 17.31
N LYS A 165 10.26 10.24 18.64
CA LYS A 165 9.10 10.91 19.24
C LYS A 165 9.00 12.35 18.69
N LEU A 166 10.12 13.06 18.56
CA LEU A 166 10.16 14.42 18.03
C LEU A 166 9.77 14.45 16.54
N TYR A 167 10.31 13.50 15.75
CA TYR A 167 9.92 13.42 14.35
C TYR A 167 8.41 13.19 14.22
N ASN A 168 7.83 12.32 15.04
CA ASN A 168 6.42 12.00 14.96
C ASN A 168 5.55 13.18 15.43
N TYR A 169 6.05 13.93 16.43
CA TYR A 169 5.46 15.18 16.88
C TYR A 169 5.51 16.21 15.75
N SER A 170 6.63 16.36 15.07
CA SER A 170 6.72 17.35 14.02
C SER A 170 7.82 17.02 13.01
N LYS A 171 7.41 16.97 11.75
CA LYS A 171 8.25 16.78 10.57
C LYS A 171 9.07 18.02 10.22
N LYS A 172 8.79 19.19 10.82
CA LYS A 172 9.48 20.40 10.38
C LYS A 172 10.93 20.40 10.86
N TYR A 173 11.24 19.72 11.97
CA TYR A 173 12.61 19.66 12.43
C TYR A 173 13.44 18.97 11.36
N ASP A 174 14.58 19.60 11.07
CA ASP A 174 15.57 19.14 10.11
C ASP A 174 16.94 19.62 10.58
N LEU A 175 17.92 18.71 10.63
CA LEU A 175 19.24 19.02 11.13
C LEU A 175 20.20 17.98 10.54
N ASP A 176 21.46 18.36 10.39
CA ASP A 176 22.51 17.45 10.00
C ASP A 176 22.78 16.51 11.16
N LEU A 177 23.00 15.24 10.82
CA LEU A 177 23.22 14.19 11.80
C LEU A 177 24.59 13.59 11.49
N ASN A 178 25.41 13.34 12.50
CA ASN A 178 26.76 12.87 12.22
C ASN A 178 26.75 11.34 11.99
N THR A 179 27.93 10.78 11.76
CA THR A 179 28.06 9.38 11.35
C THR A 179 27.54 8.46 12.46
N SER A 180 28.00 8.72 13.68
CA SER A 180 27.61 7.98 14.88
C SER A 180 26.08 7.94 15.04
N LEU A 181 25.42 9.10 14.99
CA LEU A 181 23.98 9.17 15.17
C LEU A 181 23.23 8.44 14.06
N VAL A 182 23.49 8.74 12.78
CA VAL A 182 22.71 8.11 11.72
C VAL A 182 22.84 6.58 11.77
N ASN A 183 24.00 6.05 12.19
CA ASN A 183 24.21 4.61 12.24
C ASN A 183 23.44 3.99 13.40
N LYS A 184 22.95 4.80 14.36
CA LYS A 184 22.15 4.23 15.42
C LYS A 184 20.66 4.17 15.06
N LEU A 185 20.21 5.01 14.12
CA LEU A 185 18.77 5.15 13.82
C LEU A 185 18.15 3.84 13.35
N PRO A 186 18.82 3.00 12.51
CA PRO A 186 18.17 1.82 11.92
C PRO A 186 17.74 0.74 12.89
N ASN A 187 18.24 0.78 14.14
CA ASN A 187 17.89 -0.21 15.14
C ASN A 187 16.51 0.11 15.73
N HIS A 188 15.94 1.30 15.45
CA HIS A 188 14.62 1.66 15.91
C HIS A 188 13.57 1.29 14.84
N ILE A 189 12.41 0.79 15.29
CA ILE A 189 11.35 0.31 14.39
C ILE A 189 10.82 1.42 13.48
N GLY A 190 10.87 2.67 13.97
CA GLY A 190 10.43 3.84 13.22
C GLY A 190 11.34 4.14 12.02
N PHE A 191 12.55 3.57 12.00
CA PHE A 191 13.50 3.96 10.98
C PHE A 191 12.96 3.74 9.55
N LYS A 192 12.37 2.57 9.23
CA LYS A 192 12.01 2.25 7.85
C LYS A 192 11.03 3.29 7.24
N ASP A 193 9.98 3.66 7.99
CA ASP A 193 8.97 4.63 7.54
C ASP A 193 9.52 6.07 7.53
N PHE A 194 10.32 6.43 8.53
CA PHE A 194 11.11 7.65 8.53
C PHE A 194 11.93 7.78 7.25
N ALA A 195 12.78 6.79 6.91
CA ALA A 195 13.64 6.92 5.74
C ALA A 195 12.81 7.02 4.47
N GLN A 196 11.84 6.12 4.31
CA GLN A 196 11.03 6.08 3.10
C GLN A 196 10.32 7.43 2.90
N ASN A 197 9.69 7.91 3.96
CA ASN A 197 8.88 9.10 3.89
C ASN A 197 9.71 10.31 3.49
N ILE A 198 10.85 10.53 4.15
CA ILE A 198 11.64 11.70 3.80
C ILE A 198 12.26 11.56 2.41
N ILE A 199 12.59 10.34 1.95
CA ILE A 199 13.19 10.16 0.62
C ILE A 199 12.15 10.36 -0.48
N ILE A 200 10.99 9.72 -0.35
CA ILE A 200 9.92 9.72 -1.36
C ILE A 200 9.26 11.11 -1.45
N LYS A 201 9.13 11.80 -0.32
CA LYS A 201 8.43 13.09 -0.26
C LYS A 201 9.39 14.23 -0.56
N LYS A 202 10.71 13.97 -0.47
CA LYS A 202 11.76 14.95 -0.72
C LYS A 202 11.64 16.04 0.34
N GLU A 203 11.58 15.58 1.58
CA GLU A 203 11.50 16.45 2.73
C GLU A 203 12.76 16.23 3.56
N ASN A 204 12.99 17.15 4.50
CA ASN A 204 14.01 16.96 5.49
C ASN A 204 15.35 16.75 4.78
N PRO A 205 15.80 17.73 3.96
CA PRO A 205 17.03 17.57 3.18
C PRO A 205 18.29 17.28 3.98
N LYS A 206 18.38 17.78 5.21
CA LYS A 206 19.58 17.59 5.99
C LYS A 206 19.59 16.17 6.56
N PHE A 207 18.41 15.70 6.98
CA PHE A 207 18.22 14.30 7.36
C PHE A 207 18.63 13.43 6.17
N ARG A 208 18.16 13.77 4.96
CA ARG A 208 18.40 12.95 3.78
C ARG A 208 19.89 12.86 3.47
N HIS A 209 20.55 14.03 3.42
CA HIS A 209 21.97 14.09 3.13
C HIS A 209 22.77 13.30 4.15
N SER A 210 22.37 13.40 5.42
CA SER A 210 23.04 12.74 6.50
C SER A 210 23.01 11.21 6.34
N MET A 211 21.91 10.69 5.77
CA MET A 211 21.73 9.25 5.62
C MET A 211 22.62 8.63 4.52
N LEU A 212 23.43 9.44 3.82
CA LEU A 212 24.54 8.96 3.00
C LEU A 212 25.62 8.21 3.81
N GLU A 213 25.73 8.45 5.11
CA GLU A 213 26.82 7.92 5.90
C GLU A 213 26.37 6.70 6.73
N ILE A 214 25.16 6.20 6.49
CA ILE A 214 24.75 4.94 7.08
C ILE A 214 25.53 3.82 6.39
N ASN A 215 26.19 3.02 7.23
CA ASN A 215 26.91 1.84 6.84
C ASN A 215 25.90 0.84 6.30
N PRO A 216 26.04 0.34 5.05
CA PRO A 216 25.17 -0.71 4.52
C PRO A 216 25.07 -1.94 5.43
N GLU A 217 26.13 -2.20 6.21
CA GLU A 217 26.13 -3.28 7.18
C GLU A 217 25.04 -3.11 8.24
N ASN A 218 24.61 -1.85 8.50
CA ASN A 218 23.66 -1.56 9.59
C ASN A 218 22.20 -1.57 9.14
N VAL A 219 21.95 -1.73 7.82
CA VAL A 219 20.58 -1.77 7.32
C VAL A 219 20.32 -3.01 6.48
N SER A 220 19.04 -3.20 6.14
CA SER A 220 18.63 -4.35 5.35
C SER A 220 17.27 -4.07 4.73
N GLU A 221 16.95 -4.88 3.70
CA GLU A 221 15.62 -5.01 3.12
C GLU A 221 15.20 -3.66 2.54
N ASP A 222 13.96 -3.22 2.80
CA ASP A 222 13.39 -1.98 2.27
C ASP A 222 14.24 -0.74 2.63
N SER A 223 14.75 -0.67 3.85
CA SER A 223 15.55 0.46 4.30
C SER A 223 16.81 0.56 3.47
N ALA A 224 17.48 -0.59 3.25
CA ALA A 224 18.67 -0.60 2.43
C ALA A 224 18.31 -0.13 1.01
N PHE A 225 17.24 -0.65 0.44
CA PHE A 225 16.82 -0.26 -0.89
C PHE A 225 16.62 1.26 -0.96
N TYR A 226 15.84 1.83 -0.02
CA TYR A 226 15.54 3.26 -0.04
C TYR A 226 16.80 4.10 0.19
N LEU A 227 17.73 3.66 1.03
CA LEU A 227 19.01 4.36 1.13
C LEU A 227 19.81 4.36 -0.16
N GLY A 228 19.65 3.30 -0.96
CA GLY A 228 20.26 3.27 -2.27
C GLY A 228 19.61 4.30 -3.20
N VAL A 229 18.27 4.40 -3.20
CA VAL A 229 17.56 5.42 -3.98
C VAL A 229 18.02 6.81 -3.53
N ASN A 230 18.12 7.00 -2.21
CA ASN A 230 18.63 8.24 -1.65
C ASN A 230 20.02 8.56 -2.23
N ALA A 231 20.91 7.58 -2.23
CA ALA A 231 22.27 7.81 -2.71
C ALA A 231 22.25 8.24 -4.18
N LEU A 232 21.39 7.64 -4.98
CA LEU A 232 21.26 8.01 -6.40
C LEU A 232 20.87 9.48 -6.57
N THR A 233 19.97 10.00 -5.72
CA THR A 233 19.53 11.39 -5.85
C THR A 233 20.67 12.37 -5.58
N TYR A 234 21.70 11.95 -4.82
CA TYR A 234 22.91 12.74 -4.60
C TYR A 234 24.06 12.33 -5.54
N ASP A 235 23.76 11.51 -6.56
CA ASP A 235 24.76 11.00 -7.50
C ASP A 235 25.97 10.36 -6.80
N LYS A 236 25.70 9.58 -5.74
CA LYS A 236 26.64 8.73 -5.05
C LYS A 236 26.43 7.26 -5.46
N THR A 237 26.86 6.94 -6.69
CA THR A 237 26.59 5.69 -7.39
C THR A 237 27.24 4.48 -6.66
N GLU A 238 28.47 4.62 -6.14
CA GLU A 238 29.12 3.55 -5.39
C GLU A 238 28.37 3.25 -4.08
N LEU A 239 28.02 4.29 -3.29
CA LEU A 239 27.21 4.08 -2.09
C LEU A 239 25.87 3.43 -2.47
N ALA A 240 25.27 3.90 -3.58
CA ALA A 240 23.98 3.37 -3.98
C ALA A 240 24.11 1.87 -4.26
N TYR A 241 25.06 1.50 -5.12
CA TYR A 241 25.33 0.09 -5.40
C TYR A 241 25.42 -0.70 -4.10
N ASP A 242 26.26 -0.26 -3.15
CA ASP A 242 26.47 -1.00 -1.91
C ASP A 242 25.15 -1.17 -1.15
N PHE A 243 24.28 -0.16 -1.15
CA PHE A 243 22.98 -0.29 -0.49
C PHE A 243 22.10 -1.30 -1.22
N PHE A 244 22.04 -1.22 -2.55
CA PHE A 244 21.18 -2.08 -3.32
C PHE A 244 21.64 -3.57 -3.22
N LYS A 245 22.96 -3.79 -3.14
CA LYS A 245 23.55 -5.10 -2.94
C LYS A 245 23.13 -5.66 -1.60
N LYS A 246 23.18 -4.84 -0.53
CA LYS A 246 22.67 -5.30 0.75
C LYS A 246 21.18 -5.64 0.65
N ALA A 247 20.38 -4.81 -0.03
CA ALA A 247 18.97 -5.08 -0.19
C ALA A 247 18.75 -6.42 -0.90
N ALA A 248 19.47 -6.64 -2.01
CA ALA A 248 19.34 -7.87 -2.79
C ALA A 248 19.64 -9.08 -1.90
N GLN A 249 20.67 -8.96 -1.06
CA GLN A 249 21.08 -10.06 -0.20
C GLN A 249 20.06 -10.35 0.87
N SER A 250 19.24 -9.36 1.30
CA SER A 250 18.49 -9.48 2.54
C SER A 250 16.99 -9.53 2.25
N PHE A 251 16.55 -9.07 1.07
CA PHE A 251 15.13 -9.03 0.83
C PHE A 251 14.56 -10.45 0.91
N LYS A 252 13.34 -10.57 1.47
CA LYS A 252 12.68 -11.86 1.59
C LYS A 252 12.04 -12.25 0.25
N SER A 253 11.33 -11.33 -0.41
CA SER A 253 10.61 -11.67 -1.64
C SER A 253 11.52 -11.52 -2.87
N GLN A 254 11.39 -12.48 -3.80
CA GLN A 254 12.18 -12.55 -5.02
C GLN A 254 11.94 -11.32 -5.91
N SER A 255 10.69 -10.85 -5.97
CA SER A 255 10.31 -9.63 -6.69
C SER A 255 11.11 -8.41 -6.22
N ASN A 256 11.26 -8.26 -4.90
CA ASN A 256 12.03 -7.16 -4.36
C ASN A 256 13.50 -7.37 -4.62
N LYS A 257 14.02 -8.60 -4.39
CA LYS A 257 15.43 -8.89 -4.72
C LYS A 257 15.74 -8.46 -6.15
N ASP A 258 14.83 -8.80 -7.08
CA ASP A 258 15.02 -8.51 -8.50
C ASP A 258 15.14 -7.01 -8.75
N ASN A 259 14.33 -6.23 -8.02
CA ASN A 259 14.29 -4.79 -8.16
C ASN A 259 15.65 -4.23 -7.75
N ALA A 260 16.21 -4.75 -6.66
CA ALA A 260 17.54 -4.36 -6.19
C ALA A 260 18.67 -4.80 -7.13
N ILE A 261 18.62 -6.05 -7.64
CA ILE A 261 19.60 -6.56 -8.61
C ILE A 261 19.56 -5.75 -9.90
N PHE A 262 18.37 -5.32 -10.33
CA PHE A 262 18.29 -4.42 -11.47
C PHE A 262 19.13 -3.16 -11.25
N TRP A 263 19.03 -2.57 -10.05
CA TRP A 263 19.77 -1.34 -9.76
C TRP A 263 21.27 -1.60 -9.73
N MET A 264 21.67 -2.75 -9.17
CA MET A 264 23.06 -3.16 -9.14
C MET A 264 23.60 -3.20 -10.57
N TRP A 265 22.81 -3.76 -11.49
CA TRP A 265 23.19 -3.84 -12.89
C TRP A 265 23.24 -2.45 -13.55
N LEU A 266 22.22 -1.62 -13.33
CA LEU A 266 22.14 -0.33 -14.03
C LEU A 266 23.31 0.59 -13.64
N ILE A 267 23.76 0.46 -12.39
CA ILE A 267 24.83 1.28 -11.85
C ILE A 267 26.20 0.73 -12.26
N LYS A 268 26.50 -0.57 -12.03
CA LYS A 268 27.88 -1.05 -12.21
C LYS A 268 28.08 -1.96 -13.45
N ASN A 269 26.99 -2.39 -14.10
CA ASN A 269 27.02 -3.07 -15.40
C ASN A 269 27.73 -4.44 -15.36
N ASN A 270 27.65 -5.13 -14.21
CA ASN A 270 28.10 -6.49 -14.12
C ASN A 270 27.08 -7.42 -14.80
N GLU A 271 27.54 -8.17 -15.80
CA GLU A 271 26.63 -8.98 -16.58
C GLU A 271 26.16 -10.21 -15.81
N GLU A 272 26.88 -10.66 -14.77
CA GLU A 272 26.36 -11.72 -13.91
C GLU A 272 25.05 -11.28 -13.23
N ASP A 273 24.94 -9.97 -12.90
CA ASP A 273 23.77 -9.46 -12.18
C ASP A 273 22.57 -9.55 -13.10
N LEU A 274 22.75 -9.12 -14.36
CA LEU A 274 21.68 -9.19 -15.33
C LEU A 274 21.28 -10.62 -15.64
N LYS A 275 22.27 -11.52 -15.66
CA LYS A 275 22.02 -12.91 -15.93
C LYS A 275 21.17 -13.46 -14.78
N THR A 276 21.63 -13.28 -13.53
CA THR A 276 20.85 -13.70 -12.37
C THR A 276 19.38 -13.20 -12.46
N LEU A 277 19.21 -11.92 -12.80
CA LEU A 277 17.88 -11.31 -12.91
C LEU A 277 17.06 -11.96 -14.03
N SER A 278 17.68 -12.23 -15.19
CA SER A 278 16.96 -12.86 -16.31
C SER A 278 16.47 -14.28 -15.94
N GLN A 279 17.07 -14.92 -14.93
CA GLN A 279 16.75 -16.30 -14.57
C GLN A 279 15.81 -16.40 -13.36
N SER A 280 15.32 -15.25 -12.87
CA SER A 280 14.42 -15.21 -11.73
C SER A 280 13.15 -15.99 -11.98
N SER A 281 12.70 -16.65 -10.91
CA SER A 281 11.39 -17.31 -10.86
C SER A 281 10.24 -16.29 -10.71
N SER A 282 10.56 -15.04 -10.39
CA SER A 282 9.53 -14.02 -10.24
C SER A 282 9.35 -13.32 -11.59
N LEU A 283 8.08 -13.21 -11.99
CA LEU A 283 7.67 -12.41 -13.13
C LEU A 283 7.31 -11.00 -12.68
N ASN A 284 8.14 -10.06 -13.09
CA ASN A 284 7.99 -8.66 -12.74
C ASN A 284 8.63 -7.88 -13.87
N ILE A 285 8.57 -6.55 -13.83
CA ILE A 285 9.07 -5.76 -14.93
C ILE A 285 10.58 -5.90 -15.05
N TYR A 286 11.27 -6.18 -13.94
CA TYR A 286 12.72 -6.17 -13.93
C TYR A 286 13.24 -7.47 -14.56
N SER A 287 12.64 -8.60 -14.19
CA SER A 287 13.01 -9.88 -14.74
C SER A 287 12.57 -9.96 -16.20
N LEU A 288 11.43 -9.33 -16.54
CA LEU A 288 10.95 -9.34 -17.91
C LEU A 288 11.92 -8.57 -18.78
N TYR A 289 12.35 -7.39 -18.28
CA TYR A 289 13.29 -6.57 -19.00
C TYR A 289 14.62 -7.30 -19.21
N ALA A 290 15.16 -7.92 -18.16
CA ALA A 290 16.43 -8.62 -18.23
C ALA A 290 16.39 -9.80 -19.23
N LYS A 291 15.27 -10.52 -19.28
CA LYS A 291 15.04 -11.56 -20.25
C LYS A 291 15.09 -10.98 -21.65
N GLU A 292 14.43 -9.86 -21.87
CA GLU A 292 14.43 -9.24 -23.19
C GLU A 292 15.83 -8.73 -23.60
N LEU A 293 16.66 -8.25 -22.67
CA LEU A 293 17.99 -7.75 -22.99
C LEU A 293 18.97 -8.89 -23.31
N THR A 294 18.70 -10.12 -22.86
CA THR A 294 19.60 -11.25 -23.01
C THR A 294 19.05 -12.27 -24.02
N ASN A 295 18.01 -11.91 -24.77
CA ASN A 295 17.39 -12.80 -25.75
C ASN A 295 16.89 -14.09 -25.07
N THR A 296 16.46 -13.97 -23.81
CA THR A 296 15.91 -15.10 -23.08
C THR A 296 14.44 -15.20 -23.45
N PRO A 297 13.89 -16.43 -23.66
CA PRO A 297 12.46 -16.58 -23.96
C PRO A 297 11.54 -16.09 -22.84
N PHE A 298 10.40 -15.55 -23.28
CA PHE A 298 9.34 -15.11 -22.40
C PHE A 298 8.99 -16.21 -21.40
N PRO A 299 8.71 -15.88 -20.11
CA PRO A 299 8.37 -16.90 -19.13
C PRO A 299 7.09 -17.64 -19.53
N LYS A 300 7.03 -18.89 -19.07
CA LYS A 300 5.89 -19.78 -19.22
C LYS A 300 4.68 -19.29 -18.42
N ILE A 301 3.58 -19.13 -19.14
CA ILE A 301 2.32 -18.80 -18.52
C ILE A 301 1.42 -20.02 -18.47
N GLU A 302 1.02 -20.40 -17.25
CA GLU A 302 0.07 -21.50 -17.04
C GLU A 302 -1.18 -21.30 -17.88
N SER A 303 -1.74 -22.46 -18.26
CA SER A 303 -2.96 -22.51 -19.05
C SER A 303 -4.03 -23.24 -18.24
N LEU A 304 -5.04 -22.48 -17.80
CA LEU A 304 -6.14 -23.03 -17.04
C LEU A 304 -7.36 -23.13 -17.95
N ASN A 305 -7.73 -24.37 -18.29
CA ASN A 305 -8.86 -24.56 -19.18
C ASN A 305 -9.79 -25.62 -18.57
N PRO A 306 -10.66 -25.25 -17.59
CA PRO A 306 -11.57 -26.21 -16.98
C PRO A 306 -12.61 -26.67 -17.99
N SER A 307 -12.82 -27.99 -18.06
CA SER A 307 -13.84 -28.59 -18.92
C SER A 307 -15.23 -28.47 -18.27
N LYS A 308 -15.34 -28.60 -16.94
CA LYS A 308 -16.62 -28.40 -16.26
C LYS A 308 -17.15 -26.99 -16.49
N LYS A 309 -18.47 -26.90 -16.68
CA LYS A 309 -19.17 -25.66 -16.94
C LYS A 309 -19.29 -24.85 -15.65
N LYS A 310 -19.87 -25.45 -14.60
CA LYS A 310 -20.10 -24.76 -13.34
C LYS A 310 -20.40 -25.72 -12.19
N ASN A 311 -20.51 -25.12 -11.00
CA ASN A 311 -20.94 -25.80 -9.79
C ASN A 311 -22.01 -24.93 -9.14
N ASN A 312 -22.28 -25.20 -7.86
CA ASN A 312 -23.40 -24.60 -7.14
C ASN A 312 -23.03 -23.24 -6.55
N PHE A 313 -21.75 -22.85 -6.63
CA PHE A 313 -21.32 -21.60 -6.02
C PHE A 313 -21.95 -20.43 -6.78
N ASN A 314 -22.38 -19.42 -6.01
CA ASN A 314 -22.92 -18.19 -6.55
C ASN A 314 -21.82 -17.14 -6.57
N MET A 315 -21.35 -16.82 -7.79
CA MET A 315 -20.27 -15.87 -8.01
C MET A 315 -20.77 -14.44 -7.82
N GLN A 316 -22.09 -14.31 -7.60
CA GLN A 316 -22.70 -12.99 -7.48
C GLN A 316 -23.04 -12.66 -6.02
N ASP A 317 -22.89 -13.63 -5.11
CA ASP A 317 -23.15 -13.46 -3.69
C ASP A 317 -21.88 -12.99 -2.97
N PRO A 318 -21.79 -11.70 -2.54
CA PRO A 318 -20.58 -11.22 -1.88
C PRO A 318 -20.28 -11.84 -0.51
N PHE A 319 -21.31 -12.40 0.16
CA PHE A 319 -21.14 -13.04 1.47
C PHE A 319 -20.50 -14.41 1.28
N ALA A 320 -20.87 -15.13 0.21
CA ALA A 320 -20.30 -16.42 -0.10
C ALA A 320 -18.81 -16.32 -0.42
N TRP A 321 -18.38 -15.22 -1.06
CA TRP A 321 -16.97 -14.98 -1.33
C TRP A 321 -16.20 -14.73 -0.04
N GLN A 322 -16.73 -13.88 0.86
CA GLN A 322 -16.03 -13.55 2.11
C GLN A 322 -15.73 -14.85 2.87
N LYS A 323 -16.75 -15.71 2.95
CA LYS A 323 -16.73 -17.03 3.57
C LYS A 323 -15.64 -17.92 2.95
N ILE A 324 -15.75 -18.18 1.65
CA ILE A 324 -14.82 -19.07 0.96
C ILE A 324 -13.40 -18.49 0.98
N ASN A 325 -13.25 -17.17 0.95
CA ASN A 325 -11.94 -16.55 0.96
C ASN A 325 -11.24 -16.90 2.28
N LYS A 326 -11.95 -16.71 3.39
CA LYS A 326 -11.41 -16.99 4.72
C LYS A 326 -10.97 -18.46 4.81
N GLN A 327 -11.77 -19.40 4.26
CA GLN A 327 -11.43 -20.83 4.21
C GLN A 327 -10.14 -21.07 3.41
N ILE A 328 -10.12 -20.59 2.16
CA ILE A 328 -8.93 -20.71 1.33
C ILE A 328 -7.67 -20.18 2.07
N ARG A 329 -7.77 -19.04 2.76
CA ARG A 329 -6.61 -18.40 3.41
C ARG A 329 -6.09 -19.18 4.62
N ASP A 330 -6.95 -19.99 5.25
CA ASP A 330 -6.65 -20.68 6.50
C ASP A 330 -6.49 -22.18 6.26
N ALA A 331 -6.39 -22.62 5.01
CA ALA A 331 -6.41 -24.06 4.73
C ALA A 331 -4.98 -24.60 4.68
N ASN A 332 -4.82 -25.81 5.23
CA ASN A 332 -3.57 -26.57 5.11
C ASN A 332 -3.46 -27.12 3.69
N ALA A 333 -2.23 -27.52 3.30
CA ALA A 333 -1.91 -28.01 1.95
C ALA A 333 -2.93 -29.07 1.49
N SER A 334 -3.47 -29.84 2.45
CA SER A 334 -4.38 -30.93 2.17
C SER A 334 -5.75 -30.48 1.66
N GLN A 335 -6.34 -29.43 2.28
CA GLN A 335 -7.69 -28.97 1.96
C GLN A 335 -7.65 -28.00 0.78
N LEU A 336 -6.51 -27.35 0.53
CA LEU A 336 -6.32 -26.61 -0.71
C LEU A 336 -6.50 -27.54 -1.91
N ASP A 337 -6.20 -28.85 -1.80
CA ASP A 337 -6.41 -29.79 -2.89
C ASP A 337 -7.89 -30.08 -3.10
N VAL A 338 -8.68 -30.09 -2.02
CA VAL A 338 -10.10 -30.38 -2.11
C VAL A 338 -10.85 -29.21 -2.76
N LEU A 339 -10.47 -27.99 -2.32
CA LEU A 339 -11.03 -26.74 -2.83
C LEU A 339 -10.68 -26.57 -4.31
N ALA A 340 -9.40 -26.83 -4.68
CA ALA A 340 -8.95 -26.75 -6.05
C ALA A 340 -9.89 -27.50 -6.98
N LYS A 341 -10.17 -28.78 -6.66
CA LYS A 341 -11.01 -29.63 -7.48
C LYS A 341 -12.43 -29.08 -7.53
N GLU A 342 -12.96 -28.67 -6.36
CA GLU A 342 -14.34 -28.20 -6.25
C GLU A 342 -14.58 -27.01 -7.19
N PHE A 343 -13.59 -26.10 -7.30
CA PHE A 343 -13.77 -24.82 -8.00
C PHE A 343 -13.15 -24.87 -9.41
N ASP A 344 -12.77 -26.08 -9.83
CA ASP A 344 -12.19 -26.31 -11.15
C ASP A 344 -13.31 -26.32 -12.20
N THR A 345 -13.91 -25.14 -12.45
CA THR A 345 -14.96 -24.93 -13.44
C THR A 345 -14.80 -23.57 -14.09
N GLN A 346 -15.39 -23.40 -15.28
CA GLN A 346 -15.29 -22.14 -16.00
C GLN A 346 -15.94 -20.99 -15.23
N GLU A 347 -17.11 -21.26 -14.63
CA GLU A 347 -17.87 -20.21 -13.97
C GLU A 347 -17.13 -19.74 -12.69
N THR A 348 -16.39 -20.65 -12.03
CA THR A 348 -15.56 -20.31 -10.86
C THR A 348 -14.07 -20.23 -11.18
N LEU A 349 -13.70 -19.93 -12.43
CA LEU A 349 -12.30 -19.85 -12.83
C LEU A 349 -11.50 -18.90 -11.94
N PRO A 350 -11.99 -17.68 -11.64
CA PRO A 350 -11.24 -16.76 -10.79
C PRO A 350 -10.93 -17.36 -9.41
N ILE A 351 -11.85 -18.19 -8.87
CA ILE A 351 -11.59 -18.83 -7.59
C ILE A 351 -10.58 -19.97 -7.74
N TYR A 352 -10.71 -20.80 -8.79
CA TYR A 352 -9.75 -21.84 -9.10
C TYR A 352 -8.32 -21.29 -9.07
N ALA A 353 -8.08 -20.21 -9.83
CA ALA A 353 -6.75 -19.66 -10.00
C ALA A 353 -6.24 -19.08 -8.69
N TYR A 354 -7.16 -18.51 -7.89
CA TYR A 354 -6.84 -17.98 -6.57
C TYR A 354 -6.33 -19.11 -5.68
N ILE A 355 -7.05 -20.23 -5.67
CA ILE A 355 -6.64 -21.44 -4.96
C ILE A 355 -5.30 -21.96 -5.48
N LEU A 356 -5.11 -22.08 -6.81
CA LEU A 356 -3.88 -22.65 -7.34
C LEU A 356 -2.67 -21.78 -6.99
N GLU A 357 -2.84 -20.46 -6.99
CA GLU A 357 -1.80 -19.51 -6.64
C GLU A 357 -1.29 -19.77 -5.20
N ARG A 358 -2.18 -20.07 -4.25
CA ARG A 358 -1.80 -20.37 -2.88
C ARG A 358 -1.30 -21.82 -2.75
N LYS A 359 -1.82 -22.73 -3.59
CA LYS A 359 -1.49 -24.14 -3.53
C LYS A 359 -0.05 -24.40 -3.97
N ASN A 360 0.40 -23.65 -4.99
CA ASN A 360 1.73 -23.81 -5.57
C ASN A 360 2.70 -22.78 -5.00
N ASN A 361 2.42 -22.33 -3.76
CA ASN A 361 3.29 -21.41 -3.02
C ASN A 361 3.87 -20.32 -3.92
N PHE A 362 3.01 -19.78 -4.81
CA PHE A 362 3.28 -18.60 -5.62
C PHE A 362 4.46 -18.78 -6.59
N LYS A 363 4.72 -20.03 -7.06
CA LYS A 363 5.83 -20.31 -7.95
C LYS A 363 5.41 -20.15 -9.42
N LYS A 364 4.13 -20.46 -9.74
CA LYS A 364 3.63 -20.53 -11.11
C LYS A 364 2.92 -19.23 -11.49
N HIS A 365 2.83 -18.95 -12.80
CA HIS A 365 2.32 -17.67 -13.29
C HIS A 365 0.93 -17.80 -13.91
N TYR A 366 -0.07 -17.20 -13.26
CA TYR A 366 -1.47 -17.32 -13.67
C TYR A 366 -2.02 -15.98 -14.09
N PHE A 367 -2.52 -15.98 -15.32
CA PHE A 367 -2.97 -14.80 -16.03
C PHE A 367 -4.22 -15.19 -16.81
N ILE A 368 -5.30 -15.43 -16.07
CA ILE A 368 -6.57 -15.85 -16.65
C ILE A 368 -7.28 -14.67 -17.33
N MET A 369 -8.33 -15.03 -18.06
CA MET A 369 -9.04 -14.12 -18.92
C MET A 369 -10.52 -14.41 -18.78
N PRO A 370 -11.15 -14.24 -17.60
CA PRO A 370 -12.51 -14.75 -17.43
C PRO A 370 -13.50 -13.75 -18.02
N TYR A 371 -14.73 -14.25 -18.30
CA TYR A 371 -15.78 -13.45 -18.89
C TYR A 371 -15.26 -12.70 -20.14
N TYR A 372 -14.45 -13.40 -20.95
CA TYR A 372 -13.75 -12.82 -22.09
C TYR A 372 -14.72 -12.27 -23.15
N ASP A 373 -15.91 -12.85 -23.30
CA ASP A 373 -16.89 -12.37 -24.28
C ASP A 373 -17.12 -10.87 -24.16
N ASN A 374 -17.09 -10.32 -22.94
CA ASN A 374 -17.35 -8.91 -22.71
C ASN A 374 -16.23 -8.02 -23.22
N ILE A 375 -15.04 -8.56 -23.55
CA ILE A 375 -13.97 -7.68 -24.03
C ILE A 375 -13.41 -8.07 -25.40
N LYS A 376 -13.84 -9.18 -25.99
CA LYS A 376 -13.17 -9.73 -27.16
C LYS A 376 -13.27 -8.79 -28.37
N ASP A 377 -14.17 -7.79 -28.32
CA ASP A 377 -14.40 -6.86 -29.41
C ASP A 377 -13.59 -5.57 -29.24
N TYR A 378 -12.98 -5.33 -28.07
CA TYR A 378 -12.03 -4.22 -27.96
C TYR A 378 -10.72 -4.59 -28.66
N ASN A 379 -9.92 -3.59 -29.03
CA ASN A 379 -8.62 -3.87 -29.61
C ASN A 379 -7.78 -4.55 -28.53
N LYS A 380 -6.77 -5.29 -28.96
CA LYS A 380 -6.07 -6.24 -28.11
C LYS A 380 -5.27 -5.53 -27.03
N THR A 381 -4.75 -4.34 -27.37
CA THR A 381 -3.97 -3.51 -26.47
C THR A 381 -4.86 -3.06 -25.32
N ARG A 382 -6.13 -2.73 -25.64
CA ARG A 382 -7.11 -2.30 -24.65
C ARG A 382 -7.51 -3.50 -23.79
N GLN A 383 -7.62 -4.69 -24.40
CA GLN A 383 -7.97 -5.89 -23.66
C GLN A 383 -6.92 -6.10 -22.58
N ALA A 384 -5.66 -5.87 -22.94
CA ALA A 384 -4.55 -6.25 -22.10
C ALA A 384 -4.47 -5.30 -20.90
N LEU A 385 -4.79 -4.02 -21.13
CA LEU A 385 -4.84 -2.99 -20.09
C LEU A 385 -5.97 -3.29 -19.11
N ILE A 386 -7.15 -3.65 -19.63
CA ILE A 386 -8.29 -4.02 -18.80
C ILE A 386 -7.91 -5.22 -17.94
N LEU A 387 -7.40 -6.27 -18.59
CA LEU A 387 -7.06 -7.49 -17.87
C LEU A 387 -5.93 -7.24 -16.85
N ALA A 388 -4.98 -6.37 -17.18
CA ALA A 388 -3.88 -6.07 -16.27
C ALA A 388 -4.37 -5.42 -14.97
N ILE A 389 -5.36 -4.51 -15.14
CA ILE A 389 -5.91 -3.71 -14.07
C ILE A 389 -6.72 -4.64 -13.18
N ALA A 390 -7.56 -5.48 -13.78
CA ALA A 390 -8.43 -6.40 -13.08
C ALA A 390 -7.64 -7.40 -12.25
N ARG A 391 -6.57 -7.94 -12.85
CA ARG A 391 -5.73 -8.90 -12.18
C ARG A 391 -5.22 -8.32 -10.87
N GLN A 392 -4.63 -7.12 -10.91
CA GLN A 392 -4.11 -6.46 -9.74
C GLN A 392 -5.26 -6.05 -8.79
N GLU A 393 -6.38 -5.51 -9.32
CA GLU A 393 -7.44 -4.94 -8.49
C GLU A 393 -8.15 -6.02 -7.66
N SER A 394 -8.47 -7.17 -8.27
CA SER A 394 -9.37 -8.11 -7.63
C SER A 394 -9.03 -9.57 -7.85
N ARG A 395 -7.98 -9.85 -8.65
CA ARG A 395 -7.79 -11.22 -9.11
C ARG A 395 -9.07 -11.76 -9.77
N PHE A 396 -9.89 -10.87 -10.37
CA PHE A 396 -11.08 -11.24 -11.13
C PHE A 396 -12.22 -11.79 -10.26
N ILE A 397 -12.22 -11.50 -8.94
CA ILE A 397 -13.31 -11.93 -8.07
C ILE A 397 -14.46 -10.94 -8.30
N PRO A 398 -15.59 -11.41 -8.85
CA PRO A 398 -16.71 -10.53 -9.23
C PRO A 398 -17.25 -9.71 -8.06
N THR A 399 -17.25 -10.28 -6.84
CA THR A 399 -17.81 -9.57 -5.69
C THR A 399 -16.73 -9.08 -4.73
N ALA A 400 -15.54 -8.74 -5.26
CA ALA A 400 -14.47 -8.27 -4.41
C ALA A 400 -14.89 -6.97 -3.78
N ILE A 401 -14.52 -6.76 -2.50
CA ILE A 401 -14.74 -5.48 -1.82
C ILE A 401 -13.45 -5.08 -1.10
N SER A 402 -13.00 -3.87 -1.33
CA SER A 402 -11.81 -3.37 -0.64
C SER A 402 -12.23 -2.74 0.69
N VAL A 403 -11.21 -2.37 1.48
CA VAL A 403 -11.37 -1.77 2.80
C VAL A 403 -12.02 -0.40 2.63
N SER A 404 -11.84 0.22 1.45
CA SER A 404 -12.49 1.48 1.14
C SER A 404 -13.83 1.23 0.41
N TYR A 405 -14.32 -0.03 0.39
CA TYR A 405 -15.56 -0.44 -0.29
C TYR A 405 -15.52 -0.14 -1.80
N ALA A 406 -14.37 -0.29 -2.47
CA ALA A 406 -14.29 -0.39 -3.93
C ALA A 406 -14.87 -1.74 -4.32
N LEU A 407 -15.64 -1.80 -5.43
CA LEU A 407 -16.46 -2.96 -5.75
C LEU A 407 -16.12 -3.61 -7.12
N GLY A 408 -16.18 -4.94 -7.12
CA GLY A 408 -16.17 -5.81 -8.28
C GLY A 408 -14.77 -6.01 -8.87
N MET A 409 -14.72 -6.69 -10.01
CA MET A 409 -13.47 -7.01 -10.69
C MET A 409 -12.60 -5.78 -10.92
N MET A 410 -13.21 -4.62 -11.21
CA MET A 410 -12.44 -3.43 -11.59
C MET A 410 -12.43 -2.39 -10.47
N GLN A 411 -12.99 -2.76 -9.28
CA GLN A 411 -12.78 -2.02 -8.05
C GLN A 411 -13.13 -0.54 -8.24
N PHE A 412 -14.42 -0.30 -8.57
CA PHE A 412 -14.99 1.03 -8.58
C PHE A 412 -15.50 1.42 -7.19
N MET A 413 -15.13 2.61 -6.76
CA MET A 413 -15.72 3.25 -5.60
C MET A 413 -17.17 3.61 -5.96
N PRO A 414 -18.15 3.54 -5.01
CA PRO A 414 -19.54 3.96 -5.27
C PRO A 414 -19.75 5.32 -5.96
N PHE A 415 -18.95 6.32 -5.61
CA PHE A 415 -19.08 7.63 -6.23
C PHE A 415 -18.92 7.52 -7.75
N LEU A 416 -17.77 7.01 -8.20
CA LEU A 416 -17.47 6.93 -9.62
C LEU A 416 -18.45 5.99 -10.33
N ALA A 417 -18.80 4.88 -9.68
CA ALA A 417 -19.75 3.92 -10.21
C ALA A 417 -21.11 4.59 -10.49
N ASN A 418 -21.57 5.44 -9.57
CA ASN A 418 -22.87 6.10 -9.68
C ASN A 418 -22.79 7.22 -10.72
N HIS A 419 -21.69 7.97 -10.75
CA HIS A 419 -21.50 8.99 -11.75
C HIS A 419 -21.54 8.40 -13.16
N ILE A 420 -20.86 7.26 -13.40
CA ILE A 420 -20.86 6.64 -14.72
C ILE A 420 -22.21 6.00 -15.04
N GLY A 421 -22.78 5.26 -14.09
CA GLY A 421 -23.99 4.47 -14.32
C GLY A 421 -25.30 5.28 -14.40
N GLU A 422 -25.44 6.33 -13.58
CA GLU A 422 -26.67 7.10 -13.49
C GLU A 422 -26.53 8.37 -14.32
N LYS A 423 -25.54 9.21 -13.99
CA LYS A 423 -25.36 10.48 -14.67
C LYS A 423 -25.00 10.25 -16.15
N GLU A 424 -23.91 9.53 -16.47
CA GLU A 424 -23.43 9.43 -17.85
C GLU A 424 -24.24 8.42 -18.67
N LEU A 425 -24.34 7.16 -18.23
CA LEU A 425 -24.92 6.11 -19.07
C LEU A 425 -26.43 5.98 -18.88
N LYS A 426 -26.99 6.70 -17.90
CA LYS A 426 -28.43 6.71 -17.65
C LYS A 426 -29.03 5.31 -17.60
N ILE A 427 -28.30 4.34 -17.02
CA ILE A 427 -28.76 2.96 -17.01
C ILE A 427 -30.00 2.92 -16.12
N PRO A 428 -31.15 2.40 -16.63
CA PRO A 428 -32.36 2.32 -15.82
C PRO A 428 -32.18 1.48 -14.55
N ASN A 429 -32.59 2.05 -13.40
CA ASN A 429 -32.57 1.38 -12.10
C ASN A 429 -31.15 0.94 -11.70
N PHE A 430 -30.15 1.75 -12.08
CA PHE A 430 -28.76 1.48 -11.76
C PHE A 430 -28.63 1.47 -10.24
N ASP A 431 -27.88 0.49 -9.76
CA ASP A 431 -27.37 0.49 -8.40
C ASP A 431 -25.86 0.19 -8.47
N GLN A 432 -25.07 0.83 -7.58
CA GLN A 432 -23.64 0.61 -7.42
C GLN A 432 -23.26 -0.88 -7.34
N ASP A 433 -24.16 -1.76 -6.87
CA ASP A 433 -23.88 -3.18 -6.80
C ASP A 433 -23.84 -3.85 -8.18
N PHE A 434 -24.22 -3.12 -9.24
CA PHE A 434 -24.02 -3.57 -10.61
C PHE A 434 -22.53 -3.77 -10.93
N MET A 435 -21.63 -3.10 -10.21
CA MET A 435 -20.20 -3.28 -10.36
C MET A 435 -19.75 -4.72 -10.09
N PHE A 436 -20.57 -5.52 -9.39
CA PHE A 436 -20.24 -6.93 -9.18
C PHE A 436 -20.52 -7.80 -10.40
N LYS A 437 -21.14 -7.23 -11.44
CA LYS A 437 -21.45 -7.96 -12.66
C LYS A 437 -20.25 -7.80 -13.60
N PRO A 438 -19.65 -8.91 -14.07
CA PRO A 438 -18.50 -8.82 -14.97
C PRO A 438 -18.75 -7.92 -16.19
N GLU A 439 -19.95 -8.03 -16.78
CA GLU A 439 -20.28 -7.21 -17.95
C GLU A 439 -20.18 -5.75 -17.59
N ILE A 440 -20.61 -5.39 -16.37
CA ILE A 440 -20.66 -4.00 -15.96
C ILE A 440 -19.27 -3.52 -15.59
N ALA A 441 -18.57 -4.35 -14.80
CA ALA A 441 -17.19 -4.06 -14.40
C ALA A 441 -16.33 -3.75 -15.64
N TYR A 442 -16.28 -4.69 -16.60
CA TYR A 442 -15.44 -4.51 -17.79
C TYR A 442 -15.85 -3.28 -18.60
N TYR A 443 -17.18 -3.13 -18.78
CA TYR A 443 -17.73 -1.98 -19.50
C TYR A 443 -17.27 -0.69 -18.84
N PHE A 444 -17.46 -0.58 -17.51
CA PHE A 444 -17.13 0.65 -16.81
C PHE A 444 -15.62 0.88 -16.82
N GLY A 445 -14.86 -0.21 -16.69
CA GLY A 445 -13.41 -0.14 -16.72
C GLY A 445 -12.90 0.39 -18.05
N ASN A 446 -13.47 -0.12 -19.13
CA ASN A 446 -13.15 0.37 -20.47
C ASN A 446 -13.42 1.88 -20.54
N TYR A 447 -14.63 2.29 -20.11
CA TYR A 447 -15.02 3.70 -20.18
C TYR A 447 -14.03 4.57 -19.41
N HIS A 448 -13.72 4.14 -18.17
CA HIS A 448 -12.85 4.93 -17.32
C HIS A 448 -11.42 4.90 -17.84
N LEU A 449 -10.97 3.72 -18.36
CA LEU A 449 -9.62 3.63 -18.92
C LEU A 449 -9.49 4.50 -20.18
N ASN A 450 -10.55 4.57 -21.00
CA ASN A 450 -10.59 5.50 -22.14
C ASN A 450 -10.32 6.92 -21.68
N TYR A 451 -11.01 7.38 -20.64
CA TYR A 451 -10.81 8.74 -20.14
C TYR A 451 -9.35 8.93 -19.73
N LEU A 452 -8.75 7.94 -19.03
CA LEU A 452 -7.44 8.16 -18.44
C LEU A 452 -6.34 8.12 -19.51
N GLU A 453 -6.46 7.15 -20.42
CA GLU A 453 -5.48 6.98 -21.48
C GLU A 453 -5.50 8.15 -22.46
N SER A 454 -6.69 8.69 -22.76
CA SER A 454 -6.78 9.88 -23.60
C SER A 454 -5.93 11.03 -23.07
N ARG A 455 -5.74 11.12 -21.73
CA ARG A 455 -4.98 12.22 -21.13
C ARG A 455 -3.53 11.85 -20.85
N LEU A 456 -3.23 10.56 -20.62
CA LEU A 456 -1.96 10.15 -20.00
C LEU A 456 -1.08 9.31 -20.94
N LYS A 457 -1.72 8.48 -21.79
CA LYS A 457 -1.09 7.73 -22.88
C LYS A 457 -0.36 6.47 -22.37
N SER A 458 0.74 6.64 -21.64
CA SER A 458 1.45 5.47 -21.11
C SER A 458 0.50 4.62 -20.26
N PRO A 459 0.54 3.27 -20.38
CA PRO A 459 -0.21 2.39 -19.49
C PRO A 459 0.29 2.43 -18.04
N LEU A 460 1.54 2.83 -17.83
CA LEU A 460 2.05 3.04 -16.49
C LEU A 460 1.35 4.24 -15.81
N PHE A 461 1.28 5.37 -16.51
CA PHE A 461 0.66 6.59 -15.99
C PHE A 461 -0.84 6.36 -15.76
N VAL A 462 -1.47 5.65 -16.69
CA VAL A 462 -2.86 5.24 -16.53
C VAL A 462 -3.04 4.43 -15.24
N ALA A 463 -2.09 3.53 -14.95
CA ALA A 463 -2.17 2.68 -13.78
C ALA A 463 -2.12 3.54 -12.53
N TYR A 464 -1.16 4.46 -12.48
CA TYR A 464 -1.04 5.35 -11.34
C TYR A 464 -2.36 6.12 -11.11
N ALA A 465 -2.94 6.69 -12.19
CA ALA A 465 -4.16 7.47 -12.12
C ALA A 465 -5.31 6.55 -11.75
N TYR A 466 -5.33 5.30 -12.21
CA TYR A 466 -6.44 4.42 -11.89
C TYR A 466 -6.47 4.11 -10.39
N ASN A 467 -5.28 4.02 -9.75
CA ASN A 467 -5.18 3.67 -8.34
C ASN A 467 -5.26 4.92 -7.45
N GLY A 468 -4.59 6.00 -7.85
CA GLY A 468 -4.34 7.14 -6.98
C GLY A 468 -5.11 8.39 -7.42
N GLY A 469 -5.84 8.30 -8.54
CA GLY A 469 -6.56 9.41 -9.13
C GLY A 469 -5.72 10.23 -10.11
N ILE A 470 -6.38 10.83 -11.12
CA ILE A 470 -5.65 11.57 -12.17
C ILE A 470 -5.07 12.86 -11.59
N GLY A 471 -5.58 13.27 -10.42
CA GLY A 471 -5.16 14.50 -9.79
C GLY A 471 -3.69 14.45 -9.41
N PHE A 472 -3.37 13.48 -8.55
CA PHE A 472 -2.00 13.24 -8.06
C PHE A 472 -1.07 12.88 -9.22
N THR A 473 -1.58 12.14 -10.23
CA THR A 473 -0.76 11.70 -11.36
C THR A 473 -0.28 12.93 -12.14
N ASN A 474 -1.24 13.81 -12.47
CA ASN A 474 -0.98 15.08 -13.17
C ASN A 474 -0.02 15.94 -12.38
N ARG A 475 -0.20 16.03 -11.05
CA ARG A 475 0.71 16.80 -10.21
C ARG A 475 2.10 16.18 -10.21
N MET A 476 2.18 14.83 -10.22
CA MET A 476 3.50 14.20 -10.22
C MET A 476 4.21 14.45 -11.55
N LEU A 477 3.47 14.35 -12.67
CA LEU A 477 4.07 14.50 -13.99
C LEU A 477 4.38 15.97 -14.31
N ALA A 478 3.81 16.93 -13.56
CA ALA A 478 4.14 18.35 -13.76
C ALA A 478 5.48 18.74 -13.13
N ARG A 479 6.00 17.94 -12.20
CA ARG A 479 7.27 18.23 -11.56
C ARG A 479 8.43 18.13 -12.55
N ASN A 480 9.48 18.93 -12.29
CA ASN A 480 10.70 18.99 -13.10
C ASN A 480 11.56 17.74 -12.96
N ASP A 481 11.35 16.98 -11.88
CA ASP A 481 12.29 15.94 -11.52
C ASP A 481 11.63 14.55 -11.66
N MET A 482 10.52 14.43 -12.41
CA MET A 482 9.78 13.18 -12.48
C MET A 482 9.44 12.86 -13.94
N PHE A 483 9.98 11.72 -14.38
CA PHE A 483 9.77 11.16 -15.71
C PHE A 483 10.28 12.12 -16.79
N LYS A 484 11.46 12.70 -16.54
CA LYS A 484 12.19 13.52 -17.51
C LYS A 484 13.42 12.72 -17.94
N THR A 485 14.32 13.35 -18.72
CA THR A 485 15.54 12.69 -19.17
C THR A 485 16.52 12.60 -18.01
N GLY A 486 17.32 11.53 -18.00
CA GLY A 486 18.40 11.39 -17.03
C GLY A 486 19.04 10.03 -17.20
N LYS A 487 20.24 9.92 -16.65
CA LYS A 487 21.06 8.73 -16.59
C LYS A 487 20.22 7.48 -16.26
N PHE A 488 19.42 7.60 -15.17
CA PHE A 488 18.82 6.43 -14.54
C PHE A 488 17.30 6.43 -14.74
N GLU A 489 16.83 7.25 -15.69
CA GLU A 489 15.40 7.37 -15.97
C GLU A 489 14.98 6.34 -17.01
N PRO A 490 13.70 5.88 -17.03
CA PRO A 490 12.67 6.34 -16.11
C PRO A 490 12.61 5.56 -14.80
N PHE A 491 13.58 4.67 -14.58
CA PHE A 491 13.57 3.75 -13.45
C PHE A 491 13.64 4.50 -12.12
N LEU A 492 14.42 5.59 -12.05
CA LEU A 492 14.55 6.33 -10.80
C LEU A 492 13.19 6.93 -10.41
N SER A 493 12.51 7.54 -11.40
CA SER A 493 11.23 8.18 -11.19
C SER A 493 10.21 7.19 -10.66
N MET A 494 10.28 5.95 -11.15
CA MET A 494 9.37 4.89 -10.72
C MET A 494 9.57 4.49 -9.25
N GLU A 495 10.76 4.77 -8.69
CA GLU A 495 11.06 4.59 -7.28
C GLU A 495 10.64 5.81 -6.40
N LEU A 496 10.27 6.93 -7.02
CA LEU A 496 10.06 8.19 -6.29
C LEU A 496 8.61 8.67 -6.40
N VAL A 497 7.72 7.78 -6.83
CA VAL A 497 6.30 8.05 -6.90
C VAL A 497 5.89 8.24 -5.44
N PRO A 498 5.30 9.41 -5.08
CA PRO A 498 5.19 9.82 -3.68
C PRO A 498 4.26 8.99 -2.78
N TYR A 499 3.44 8.07 -3.34
CA TYR A 499 2.64 7.17 -2.50
C TYR A 499 3.03 5.72 -2.75
N GLN A 500 3.38 5.01 -1.66
CA GLN A 500 3.90 3.66 -1.73
C GLN A 500 2.95 2.73 -2.48
N GLU A 501 1.67 2.77 -2.17
CA GLU A 501 0.70 1.92 -2.84
C GLU A 501 0.75 2.10 -4.37
N SER A 502 0.86 3.35 -4.82
CA SER A 502 0.74 3.73 -6.22
C SER A 502 2.04 3.36 -6.95
N ARG A 503 3.18 3.46 -6.26
CA ARG A 503 4.48 3.06 -6.74
C ARG A 503 4.48 1.57 -7.09
N ILE A 504 3.92 0.77 -6.18
CA ILE A 504 3.88 -0.68 -6.27
C ILE A 504 2.84 -1.10 -7.31
N TYR A 505 1.69 -0.42 -7.31
CA TYR A 505 0.59 -0.76 -8.19
C TYR A 505 1.02 -0.68 -9.65
N GLY A 506 1.69 0.41 -10.01
CA GLY A 506 2.17 0.69 -11.35
C GLY A 506 3.16 -0.36 -11.88
N LYS A 507 4.15 -0.72 -11.06
CA LYS A 507 5.07 -1.83 -11.36
C LYS A 507 4.34 -3.14 -11.65
N LYS A 508 3.39 -3.51 -10.80
CA LYS A 508 2.68 -4.76 -11.00
C LYS A 508 1.76 -4.72 -12.20
N VAL A 509 1.03 -3.62 -12.39
CA VAL A 509 0.09 -3.54 -13.49
C VAL A 509 0.86 -3.54 -14.82
N LEU A 510 2.02 -2.89 -14.87
CA LEU A 510 2.81 -2.82 -16.09
C LEU A 510 3.32 -4.21 -16.49
N ALA A 511 3.85 -5.01 -15.57
CA ALA A 511 4.13 -6.42 -15.81
C ALA A 511 2.91 -7.15 -16.34
N ASN A 512 1.75 -6.94 -15.72
CA ASN A 512 0.58 -7.71 -16.10
C ASN A 512 0.26 -7.40 -17.57
N TYR A 513 0.37 -6.11 -17.92
CA TYR A 513 0.05 -5.57 -19.22
C TYR A 513 0.94 -6.17 -20.31
N ILE A 514 2.25 -6.20 -20.06
CA ILE A 514 3.20 -6.89 -20.94
C ILE A 514 2.78 -8.34 -21.16
N VAL A 515 2.45 -9.04 -20.08
CA VAL A 515 2.13 -10.46 -20.16
C VAL A 515 0.85 -10.65 -20.98
N TYR A 516 -0.20 -9.86 -20.74
CA TYR A 516 -1.46 -10.06 -21.45
C TYR A 516 -1.32 -9.70 -22.93
N ARG A 517 -0.55 -8.65 -23.27
CA ARG A 517 -0.28 -8.32 -24.65
C ARG A 517 0.37 -9.51 -25.34
N HIS A 518 1.33 -10.16 -24.66
CA HIS A 518 1.97 -11.35 -25.18
C HIS A 518 0.98 -12.48 -25.43
N LEU A 519 0.15 -12.80 -24.42
CA LEU A 519 -0.84 -13.87 -24.52
C LEU A 519 -1.83 -13.62 -25.66
N LEU A 520 -2.14 -12.37 -25.94
CA LEU A 520 -3.13 -12.03 -26.94
C LEU A 520 -2.48 -11.90 -28.33
N ASN A 521 -1.23 -12.35 -28.52
CA ASN A 521 -0.50 -12.16 -29.79
C ASN A 521 -0.49 -10.70 -30.22
N ASP A 522 -0.13 -9.82 -29.28
CA ASP A 522 0.03 -8.40 -29.56
C ASP A 522 1.18 -7.86 -28.71
N SER A 523 2.30 -8.58 -28.79
CA SER A 523 3.51 -8.35 -28.02
C SER A 523 4.01 -6.93 -28.21
N ILE A 524 4.53 -6.37 -27.12
CA ILE A 524 5.35 -5.17 -27.19
C ILE A 524 6.60 -5.41 -26.35
N LYS A 525 7.69 -4.79 -26.78
CA LYS A 525 8.95 -4.79 -26.07
C LYS A 525 8.79 -3.83 -24.89
N ILE A 526 9.19 -4.30 -23.69
CA ILE A 526 9.08 -3.49 -22.50
C ILE A 526 10.03 -2.31 -22.65
N SER A 527 11.13 -2.49 -23.38
CA SER A 527 12.05 -1.39 -23.65
C SER A 527 11.33 -0.25 -24.38
N ASP A 528 10.31 -0.52 -25.19
CA ASP A 528 9.60 0.57 -25.86
C ASP A 528 8.74 1.32 -24.84
N ILE A 529 8.10 0.57 -23.92
CA ILE A 529 7.30 1.17 -22.86
C ILE A 529 8.19 2.12 -22.06
N PHE A 530 9.43 1.71 -21.75
CA PHE A 530 10.32 2.55 -20.94
C PHE A 530 10.75 3.81 -21.68
N GLU A 531 11.06 3.71 -22.98
CA GLU A 531 11.39 4.87 -23.80
C GLU A 531 10.25 5.88 -23.78
N ASN A 532 9.01 5.38 -23.89
CA ASN A 532 7.83 6.24 -23.96
C ASN A 532 7.49 6.94 -22.63
N LEU A 533 8.25 6.69 -21.54
CA LEU A 533 7.97 7.29 -20.25
C LEU A 533 8.73 8.60 -20.08
N ILE A 534 9.62 8.93 -21.00
CA ILE A 534 10.54 10.03 -20.77
C ILE A 534 9.96 11.34 -21.32
#